data_3EJJ
#
_entry.id   3EJJ
#
_cell.length_a   158.848
_cell.length_b   158.848
_cell.length_c   237.953
_cell.angle_alpha   90.00
_cell.angle_beta   90.00
_cell.angle_gamma   120.00
#
_symmetry.space_group_name_H-M   'H 3 2'
#
loop_
_entity.id
_entity.type
_entity.pdbx_description
1 polymer 'Colony stimulating factor-1'
2 polymer 'Macrophage colony-stimulating factor 1 receptor'
3 branched 2-acetamido-2-deoxy-beta-D-glucopyranose-(1-4)-2-acetamido-2-deoxy-beta-D-glucopyranose
4 water water
#
loop_
_entity_poly.entity_id
_entity_poly.type
_entity_poly.pdbx_seq_one_letter_code
_entity_poly.pdbx_strand_id
1 'polypeptide(L)'
;ADPSEHCSHMIGNGHLKVLQQLIDSQMETSCQIAFEFVDQEQLDDPVCYLKKAFFLVQDIIDETMRFKDNTPNANATERL
QELSNNLNSCFTKDYEEQNKACVRTFHETPLQLLEKIKNFFNETKNLLEKDWNIFTKNCNNSFAKCSSHHHHHHH
;
A,B
2 'polypeptide(L)'
;ADPAPVIEPSGPELVVEPGETVTLRCVSNGSVEWDGPISPYWTLDPESPGSTLTTRNATFKNTGTYRCTELEDPMAGSTT
IHLYVKDPAHSWNLLAQEVTVVEGQEAVLPCLITDPALKDSVSLMREGGRQVLRKTVYFFSPWRGFIIRKAKVLDSNTYV
CKTMVNGRESTSTGIWLKVNRVHPEPPQIKLEPSKLVRIRGEAAQIVCSATNAEVGFNVILKRGDTKLEIPLNSDFQDNY
YKKVRALSLNAVDFQDAGIYSCVASNDVGTRTATMNFQVVESHHHHHHH
;
X
#
# COMPACT_ATOMS: atom_id res chain seq x y z
N ALA A 1 11.93 5.96 23.63
CA ALA A 1 12.49 6.91 22.64
C ALA A 1 12.79 6.20 21.33
N ASP A 2 11.86 6.30 20.37
CA ASP A 2 12.04 5.64 19.08
C ASP A 2 12.12 6.54 17.84
N PRO A 3 11.52 7.74 17.89
CA PRO A 3 11.59 8.61 16.71
C PRO A 3 13.01 9.06 16.43
N SER A 4 13.36 9.09 15.15
CA SER A 4 14.69 9.52 14.74
C SER A 4 14.60 10.84 14.00
N GLU A 5 15.73 11.38 13.61
CA GLU A 5 15.75 12.63 12.88
C GLU A 5 15.22 12.41 11.48
N HIS A 6 15.23 11.15 11.07
CA HIS A 6 14.77 10.77 9.76
C HIS A 6 13.29 11.00 9.53
N CYS A 7 12.55 11.21 10.61
CA CYS A 7 11.13 11.48 10.48
C CYS A 7 10.87 12.82 9.81
N SER A 8 11.79 13.73 10.00
CA SER A 8 11.72 15.04 9.41
C SER A 8 11.64 14.96 7.92
N HIS A 9 12.00 13.81 7.36
CA HIS A 9 11.98 13.66 5.91
C HIS A 9 11.21 12.46 5.45
N MET A 10 10.40 11.86 6.30
CA MET A 10 9.72 10.69 5.84
C MET A 10 8.65 10.97 4.82
N ILE A 11 7.98 12.09 4.98
CA ILE A 11 6.93 12.49 4.06
C ILE A 11 7.60 13.47 3.14
N GLY A 12 7.53 13.25 1.84
CA GLY A 12 8.17 14.18 0.94
C GLY A 12 7.12 14.78 0.05
N ASN A 13 7.41 15.93 -0.55
CA ASN A 13 6.45 16.57 -1.44
C ASN A 13 6.01 15.61 -2.53
N GLY A 14 6.85 14.67 -2.88
CA GLY A 14 6.45 13.75 -3.90
C GLY A 14 5.29 12.92 -3.44
N HIS A 15 5.18 12.68 -2.14
CA HIS A 15 4.07 11.90 -1.64
C HIS A 15 2.80 12.68 -1.82
N LEU A 16 2.88 13.96 -1.53
CA LEU A 16 1.78 14.87 -1.65
C LEU A 16 1.41 15.07 -3.11
N LYS A 17 2.42 15.31 -3.94
CA LYS A 17 2.19 15.52 -5.34
C LYS A 17 1.39 14.39 -5.89
N VAL A 18 1.86 13.20 -5.58
CA VAL A 18 1.28 11.97 -6.04
C VAL A 18 -0.12 11.81 -5.51
N LEU A 19 -0.35 12.26 -4.29
CA LEU A 19 -1.68 12.13 -3.71
C LEU A 19 -2.59 13.19 -4.36
N GLN A 20 -2.03 14.35 -4.67
CA GLN A 20 -2.79 15.40 -5.31
C GLN A 20 -3.29 14.89 -6.62
N GLN A 21 -2.43 14.21 -7.35
CA GLN A 21 -2.82 13.64 -8.64
C GLN A 21 -3.95 12.63 -8.50
N LEU A 22 -4.01 11.96 -7.37
CA LEU A 22 -5.03 10.96 -7.11
C LEU A 22 -6.34 11.72 -7.01
N ILE A 23 -6.32 12.69 -6.11
CA ILE A 23 -7.47 13.56 -5.85
C ILE A 23 -7.89 14.22 -7.14
N ASP A 24 -6.99 15.01 -7.69
CA ASP A 24 -7.23 15.74 -8.89
C ASP A 24 -7.74 14.87 -10.02
N SER A 25 -7.87 13.58 -9.80
CA SER A 25 -8.34 12.73 -10.88
C SER A 25 -9.67 12.07 -10.62
N GLN A 26 -10.24 12.31 -9.45
CA GLN A 26 -11.52 11.72 -9.09
C GLN A 26 -12.69 12.60 -9.54
N MET A 27 -13.75 11.98 -10.05
CA MET A 27 -14.91 12.71 -10.54
C MET A 27 -15.73 13.28 -9.41
N GLU A 28 -16.01 14.58 -9.47
CA GLU A 28 -16.82 15.22 -8.44
C GLU A 28 -18.07 14.42 -8.39
N THR A 29 -18.50 14.05 -7.20
CA THR A 29 -19.64 13.16 -7.11
C THR A 29 -20.60 13.38 -5.96
N SER A 30 -21.88 13.30 -6.26
CA SER A 30 -22.87 13.50 -5.23
C SER A 30 -22.96 12.25 -4.37
N CYS A 31 -21.91 11.96 -3.62
CA CYS A 31 -21.92 10.76 -2.78
C CYS A 31 -22.03 11.03 -1.33
N GLN A 32 -21.55 10.03 -0.62
CA GLN A 32 -21.56 9.97 0.81
C GLN A 32 -20.99 8.58 1.10
N ILE A 33 -19.79 8.48 1.68
CA ILE A 33 -19.29 7.15 2.04
C ILE A 33 -19.03 7.18 3.53
N ALA A 34 -19.04 6.02 4.15
CA ALA A 34 -18.83 5.92 5.59
C ALA A 34 -17.38 5.64 5.89
N PHE A 35 -16.88 6.17 6.99
CA PHE A 35 -15.51 5.93 7.47
C PHE A 35 -15.33 6.50 8.87
N GLU A 36 -14.37 5.97 9.60
CA GLU A 36 -14.12 6.43 10.95
C GLU A 36 -13.07 7.48 10.96
N PHE A 37 -13.23 8.49 11.79
CA PHE A 37 -12.22 9.53 11.93
C PHE A 37 -12.45 10.19 13.27
N VAL A 38 -11.69 11.22 13.57
CA VAL A 38 -11.84 11.90 14.84
C VAL A 38 -12.76 13.09 14.67
N ASP A 39 -13.61 13.38 15.65
CA ASP A 39 -14.41 14.57 15.47
C ASP A 39 -13.74 15.65 16.28
N GLN A 40 -13.39 16.74 15.62
CA GLN A 40 -12.69 17.83 16.25
C GLN A 40 -13.51 18.44 17.35
N GLU A 41 -14.79 18.13 17.39
CA GLU A 41 -15.67 18.68 18.40
C GLU A 41 -15.36 18.01 19.72
N GLN A 42 -14.61 16.91 19.64
CA GLN A 42 -14.28 16.17 20.83
C GLN A 42 -12.80 16.26 21.15
N LEU A 43 -11.97 16.41 20.12
CA LEU A 43 -10.53 16.50 20.27
C LEU A 43 -10.06 17.60 19.34
N ASP A 44 -9.63 18.73 19.92
CA ASP A 44 -9.20 19.88 19.15
C ASP A 44 -7.71 20.21 19.22
N ASP A 45 -6.98 19.52 20.09
CA ASP A 45 -5.56 19.79 20.18
C ASP A 45 -4.95 19.39 18.87
N PRO A 46 -4.15 20.27 18.25
CA PRO A 46 -3.52 19.92 16.98
C PRO A 46 -2.66 18.66 16.96
N VAL A 47 -1.74 18.54 17.91
CA VAL A 47 -0.87 17.39 17.91
C VAL A 47 -1.59 16.10 18.25
N CYS A 48 -2.45 16.14 19.25
CA CYS A 48 -3.16 14.96 19.65
C CYS A 48 -4.17 14.52 18.62
N TYR A 49 -4.67 15.47 17.84
CA TYR A 49 -5.63 15.18 16.80
C TYR A 49 -4.95 14.27 15.79
N LEU A 50 -3.76 14.67 15.38
CA LEU A 50 -2.96 13.94 14.45
C LEU A 50 -2.53 12.57 14.96
N LYS A 51 -2.16 12.50 16.24
CA LYS A 51 -1.74 11.24 16.82
C LYS A 51 -2.89 10.28 16.84
N LYS A 52 -4.09 10.78 16.99
CA LYS A 52 -5.27 9.91 17.04
C LYS A 52 -5.70 9.48 15.65
N ALA A 53 -5.46 10.37 14.70
CA ALA A 53 -5.83 10.17 13.32
C ALA A 53 -4.96 9.19 12.58
N PHE A 54 -3.72 9.09 13.02
CA PHE A 54 -2.74 8.23 12.40
C PHE A 54 -3.25 6.81 11.95
N PHE A 55 -3.74 6.00 12.88
CA PHE A 55 -4.23 4.67 12.53
C PHE A 55 -5.52 4.73 11.74
N LEU A 56 -6.32 5.74 12.01
CA LEU A 56 -7.56 5.89 11.31
C LEU A 56 -7.22 6.12 9.85
N VAL A 57 -6.17 6.88 9.62
CA VAL A 57 -5.70 7.17 8.29
C VAL A 57 -5.14 5.90 7.65
N GLN A 58 -4.44 5.12 8.45
CA GLN A 58 -3.87 3.87 7.98
C GLN A 58 -4.97 3.01 7.50
N ASP A 59 -6.01 2.94 8.31
CA ASP A 59 -7.18 2.14 8.01
C ASP A 59 -7.86 2.58 6.72
N ILE A 60 -8.04 3.90 6.55
CA ILE A 60 -8.69 4.46 5.38
C ILE A 60 -7.94 4.06 4.13
N ILE A 61 -6.63 4.23 4.16
CA ILE A 61 -5.80 3.90 3.05
C ILE A 61 -5.96 2.44 2.67
N ASP A 62 -6.04 1.60 3.67
CA ASP A 62 -6.15 0.18 3.46
C ASP A 62 -7.54 -0.26 3.01
N GLU A 63 -8.58 0.19 3.67
CA GLU A 63 -9.89 -0.28 3.27
C GLU A 63 -10.72 0.59 2.36
N THR A 64 -10.29 1.81 2.09
CA THR A 64 -11.09 2.68 1.25
C THR A 64 -10.49 3.18 -0.03
N MET A 65 -9.18 3.25 -0.11
CA MET A 65 -8.56 3.74 -1.33
C MET A 65 -8.26 2.57 -2.27
N ARG A 66 -9.30 2.02 -2.87
CA ARG A 66 -9.18 0.91 -3.79
C ARG A 66 -9.13 1.33 -5.26
N PHE A 67 -8.06 0.93 -5.94
CA PHE A 67 -7.88 1.23 -7.33
C PHE A 67 -7.52 -0.07 -8.01
N LYS A 68 -7.62 -0.11 -9.34
CA LYS A 68 -7.27 -1.31 -10.08
C LYS A 68 -5.77 -1.50 -10.10
N ASP A 69 -5.33 -2.72 -9.87
CA ASP A 69 -3.89 -3.02 -9.84
C ASP A 69 -3.13 -2.43 -11.01
N ASN A 70 -1.93 -1.96 -10.71
CA ASN A 70 -1.04 -1.36 -11.69
C ASN A 70 -1.51 -0.04 -12.25
N THR A 71 -2.51 0.54 -11.61
CA THR A 71 -3.07 1.85 -11.97
C THR A 71 -2.11 2.86 -11.35
N PRO A 72 -1.93 4.03 -11.97
CA PRO A 72 -1.01 4.97 -11.31
C PRO A 72 -1.50 5.36 -9.91
N ASN A 73 -2.82 5.31 -9.68
CA ASN A 73 -3.33 5.66 -8.36
C ASN A 73 -3.11 4.51 -7.43
N ALA A 74 -3.16 3.31 -7.98
CA ALA A 74 -2.96 2.10 -7.21
C ALA A 74 -1.55 2.12 -6.67
N ASN A 75 -0.62 2.54 -7.49
CA ASN A 75 0.75 2.60 -7.05
C ASN A 75 0.86 3.61 -5.95
N ALA A 76 0.39 4.82 -6.22
CA ALA A 76 0.44 5.90 -5.25
C ALA A 76 -0.14 5.52 -3.91
N THR A 77 -1.29 4.88 -3.92
CA THR A 77 -1.92 4.49 -2.68
C THR A 77 -1.02 3.49 -1.94
N GLU A 78 -0.30 2.69 -2.70
CA GLU A 78 0.57 1.69 -2.10
C GLU A 78 1.80 2.38 -1.54
N ARG A 79 2.24 3.41 -2.23
CA ARG A 79 3.40 4.16 -1.78
C ARG A 79 3.08 4.88 -0.46
N LEU A 80 1.82 5.22 -0.28
CA LEU A 80 1.33 5.90 0.91
C LEU A 80 1.13 4.93 2.02
N GLN A 81 0.63 3.76 1.67
CA GLN A 81 0.42 2.70 2.65
C GLN A 81 1.81 2.44 3.24
N GLU A 82 2.82 2.45 2.41
CA GLU A 82 4.16 2.21 2.88
C GLU A 82 4.58 3.27 3.86
N LEU A 83 4.34 4.51 3.48
CA LEU A 83 4.69 5.64 4.27
C LEU A 83 4.00 5.60 5.61
N SER A 84 2.75 5.20 5.62
CA SER A 84 2.04 5.17 6.86
C SER A 84 2.64 4.14 7.78
N ASN A 85 3.27 3.12 7.22
CA ASN A 85 3.89 2.10 8.04
C ASN A 85 5.15 2.65 8.62
N ASN A 86 5.97 3.24 7.75
CA ASN A 86 7.23 3.81 8.17
C ASN A 86 7.03 4.84 9.27
N LEU A 87 5.99 5.63 9.16
CA LEU A 87 5.67 6.69 10.12
C LEU A 87 5.45 6.21 11.55
N ASN A 88 5.28 4.92 11.76
CA ASN A 88 4.98 4.41 13.10
C ASN A 88 6.09 4.64 14.09
N SER A 89 7.30 4.74 13.57
CA SER A 89 8.46 4.97 14.38
C SER A 89 8.40 6.40 14.83
N CYS A 90 7.41 7.14 14.37
CA CYS A 90 7.35 8.51 14.79
C CYS A 90 6.20 8.97 15.69
N PHE A 91 5.33 8.04 16.04
CA PHE A 91 4.22 8.29 16.91
C PHE A 91 4.33 7.36 18.12
N THR A 92 4.43 7.90 19.32
CA THR A 92 4.53 7.07 20.50
C THR A 92 3.11 6.76 20.95
N LYS A 93 2.82 5.49 21.18
CA LYS A 93 1.49 5.09 21.61
C LYS A 93 1.11 5.80 22.89
N ASP A 94 -0.18 5.87 23.15
CA ASP A 94 -0.63 6.52 24.37
C ASP A 94 -1.41 5.51 25.20
N TYR A 95 -2.08 5.97 26.23
CA TYR A 95 -2.84 5.10 27.10
C TYR A 95 -4.33 5.42 27.09
N GLU A 96 -5.16 4.39 26.98
CA GLU A 96 -6.62 4.56 27.00
C GLU A 96 -7.39 3.26 26.84
N GLU A 97 -8.25 2.98 27.82
CA GLU A 97 -9.09 1.79 27.80
C GLU A 97 -10.09 2.00 26.67
N GLN A 98 -10.73 3.16 26.66
CA GLN A 98 -11.69 3.48 25.61
C GLN A 98 -10.88 3.74 24.35
N ASN A 99 -10.50 2.65 23.70
CA ASN A 99 -9.72 2.72 22.48
C ASN A 99 -10.43 3.57 21.43
N LYS A 100 -11.75 3.36 21.32
CA LYS A 100 -12.56 4.09 20.35
C LYS A 100 -12.83 5.52 20.77
N ALA A 101 -12.10 5.98 21.78
CA ALA A 101 -12.28 7.34 22.28
C ALA A 101 -11.91 8.37 21.24
N CYS A 102 -12.77 9.39 21.15
CA CYS A 102 -12.59 10.52 20.23
C CYS A 102 -12.78 10.15 18.77
N VAL A 103 -13.30 8.95 18.50
CA VAL A 103 -13.50 8.49 17.14
C VAL A 103 -14.98 8.32 16.78
N ARG A 104 -15.39 9.05 15.76
CA ARG A 104 -16.78 9.08 15.26
C ARG A 104 -16.88 8.50 13.85
N THR A 105 -18.08 8.12 13.45
CA THR A 105 -18.23 7.63 12.08
C THR A 105 -18.64 8.85 11.28
N PHE A 106 -17.98 9.07 10.15
CA PHE A 106 -18.32 10.19 9.28
C PHE A 106 -19.01 9.69 8.04
N HIS A 107 -19.78 10.58 7.42
CA HIS A 107 -20.48 10.29 6.19
C HIS A 107 -20.17 11.51 5.35
N GLU A 108 -19.22 11.36 4.44
CA GLU A 108 -18.82 12.44 3.59
C GLU A 108 -18.51 11.99 2.15
N THR A 109 -18.17 12.94 1.30
CA THR A 109 -17.89 12.61 -0.08
C THR A 109 -16.46 12.10 -0.25
N PRO A 110 -16.27 11.16 -1.16
CA PRO A 110 -14.96 10.60 -1.44
C PRO A 110 -13.86 11.66 -1.54
N LEU A 111 -14.19 12.81 -2.08
CA LEU A 111 -13.19 13.86 -2.22
C LEU A 111 -12.89 14.50 -0.88
N GLN A 112 -13.86 14.46 0.02
CA GLN A 112 -13.66 15.01 1.33
C GLN A 112 -12.82 14.07 2.14
N LEU A 113 -13.09 12.78 2.00
CA LEU A 113 -12.32 11.79 2.72
C LEU A 113 -10.87 11.93 2.32
N LEU A 114 -10.65 12.05 1.03
CA LEU A 114 -9.31 12.19 0.52
C LEU A 114 -8.63 13.45 1.03
N GLU A 115 -9.44 14.48 1.27
CA GLU A 115 -8.94 15.76 1.76
C GLU A 115 -8.42 15.58 3.18
N LYS A 116 -9.14 14.80 3.96
CA LYS A 116 -8.70 14.52 5.29
C LYS A 116 -7.35 13.84 5.22
N ILE A 117 -7.23 12.84 4.34
CA ILE A 117 -5.97 12.13 4.23
C ILE A 117 -4.91 13.11 3.83
N LYS A 118 -5.25 14.00 2.91
CA LYS A 118 -4.30 14.99 2.49
C LYS A 118 -3.91 15.95 3.63
N ASN A 119 -4.86 16.38 4.44
CA ASN A 119 -4.52 17.28 5.50
C ASN A 119 -3.62 16.59 6.51
N PHE A 120 -3.86 15.29 6.74
CA PHE A 120 -3.04 14.54 7.66
C PHE A 120 -1.58 14.54 7.27
N PHE A 121 -1.30 14.09 6.07
CA PHE A 121 0.07 14.06 5.65
C PHE A 121 0.68 15.43 5.61
N ASN A 122 -0.09 16.43 5.23
CA ASN A 122 0.43 17.79 5.16
C ASN A 122 0.78 18.33 6.52
N GLU A 123 -0.09 18.13 7.49
CA GLU A 123 0.16 18.64 8.81
C GLU A 123 1.23 17.85 9.50
N THR A 124 1.23 16.54 9.28
CA THR A 124 2.22 15.72 9.89
C THR A 124 3.57 16.12 9.35
N LYS A 125 3.65 16.35 8.05
CA LYS A 125 4.90 16.73 7.47
C LYS A 125 5.46 18.03 8.05
N ASN A 126 4.61 19.05 8.13
CA ASN A 126 5.05 20.34 8.63
C ASN A 126 5.54 20.27 10.06
N LEU A 127 4.82 19.54 10.90
CA LEU A 127 5.23 19.43 12.28
C LEU A 127 6.53 18.65 12.47
N LEU A 128 6.70 17.56 11.77
CA LEU A 128 7.92 16.76 11.87
C LEU A 128 9.11 17.56 11.37
N GLU A 129 8.89 18.48 10.43
CA GLU A 129 9.98 19.32 9.95
C GLU A 129 10.38 20.28 11.07
N LYS A 130 9.43 20.72 11.90
CA LYS A 130 9.70 21.63 13.00
C LYS A 130 10.46 20.82 14.02
N ASP A 131 9.95 19.65 14.36
CA ASP A 131 10.72 18.77 15.23
C ASP A 131 10.20 17.36 15.24
N TRP A 132 11.11 16.45 14.95
CA TRP A 132 10.78 15.04 14.89
C TRP A 132 10.29 14.42 16.18
N ASN A 133 10.59 15.04 17.30
CA ASN A 133 10.14 14.48 18.55
C ASN A 133 8.72 14.83 18.82
N ILE A 134 8.17 15.70 18.00
CA ILE A 134 6.78 16.07 18.14
C ILE A 134 6.11 14.70 17.97
N PHE A 135 4.92 14.49 18.50
CA PHE A 135 4.23 13.19 18.38
C PHE A 135 4.79 12.24 19.39
N THR A 136 5.68 12.76 20.20
CA THR A 136 6.26 11.96 21.26
C THR A 136 5.55 12.45 22.49
N LYS A 137 4.54 13.30 22.26
CA LYS A 137 3.73 13.93 23.29
C LYS A 137 2.77 13.06 24.03
N ASN A 138 2.61 13.32 25.32
CA ASN A 138 1.67 12.58 26.15
C ASN A 138 0.29 13.15 25.90
N CYS A 139 -0.54 12.42 25.17
CA CYS A 139 -1.90 12.87 24.86
C CYS A 139 -2.99 12.25 25.72
N ASN A 140 -2.61 11.71 26.86
CA ASN A 140 -3.57 11.10 27.78
C ASN A 140 -4.73 12.02 28.15
N ASN A 141 -4.42 13.18 28.71
CA ASN A 141 -5.44 14.12 29.14
C ASN A 141 -6.38 14.53 28.01
N SER A 142 -5.85 14.72 26.82
CA SER A 142 -6.68 15.15 25.71
C SER A 142 -7.72 14.11 25.32
N PHE A 143 -7.32 12.87 25.32
CA PHE A 143 -8.23 11.82 24.97
C PHE A 143 -9.26 11.65 26.05
N ALA A 144 -8.84 11.79 27.30
CA ALA A 144 -9.76 11.62 28.42
C ALA A 144 -10.89 12.63 28.38
N LYS A 145 -10.66 13.77 27.76
CA LYS A 145 -11.72 14.75 27.66
C LYS A 145 -12.83 14.27 26.71
N CYS A 146 -12.46 13.55 25.66
CA CYS A 146 -13.44 13.05 24.70
C CYS A 146 -14.60 12.38 25.40
N SER A 147 -15.81 12.67 24.92
CA SER A 147 -16.99 12.12 25.53
C SER A 147 -17.94 11.46 24.57
N SER A 148 -18.87 10.70 25.14
CA SER A 148 -19.90 9.98 24.40
C SER A 148 -19.29 8.96 23.47
N SER B 4 -24.87 12.69 -43.85
CA SER B 4 -24.46 11.95 -42.63
C SER B 4 -23.41 10.88 -42.96
N GLU B 5 -22.45 11.22 -43.81
CA GLU B 5 -21.40 10.28 -44.20
C GLU B 5 -20.18 10.42 -43.29
N HIS B 6 -19.82 11.65 -42.98
CA HIS B 6 -18.69 11.90 -42.09
C HIS B 6 -18.96 11.11 -40.82
N CYS B 7 -20.23 10.84 -40.58
CA CYS B 7 -20.69 10.08 -39.42
C CYS B 7 -20.03 8.70 -39.35
N SER B 8 -19.77 8.13 -40.51
CA SER B 8 -19.16 6.81 -40.61
C SER B 8 -17.94 6.67 -39.69
N HIS B 9 -16.99 7.58 -39.89
CA HIS B 9 -15.75 7.63 -39.14
C HIS B 9 -15.72 8.76 -38.11
N MET B 10 -16.64 8.72 -37.15
CA MET B 10 -16.70 9.76 -36.12
C MET B 10 -15.93 9.32 -34.89
N ILE B 11 -16.54 8.49 -34.06
CA ILE B 11 -15.89 8.01 -32.85
C ILE B 11 -14.78 7.06 -33.24
N GLY B 12 -13.80 6.89 -32.36
CA GLY B 12 -12.69 6.00 -32.65
C GLY B 12 -12.02 5.51 -31.38
N ASN B 13 -10.69 5.45 -31.39
CA ASN B 13 -9.94 5.01 -30.24
C ASN B 13 -9.19 6.19 -29.64
N GLY B 14 -9.10 7.27 -30.42
CA GLY B 14 -8.42 8.46 -29.96
C GLY B 14 -9.13 9.02 -28.75
N HIS B 15 -10.33 8.51 -28.49
CA HIS B 15 -11.11 8.95 -27.34
C HIS B 15 -11.65 7.77 -26.55
N LEU B 16 -11.80 6.63 -27.19
CA LEU B 16 -12.30 5.46 -26.49
C LEU B 16 -11.31 5.10 -25.40
N LYS B 17 -10.02 5.14 -25.74
CA LYS B 17 -8.96 4.83 -24.79
C LYS B 17 -8.96 5.89 -23.68
N VAL B 18 -9.22 7.13 -24.06
CA VAL B 18 -9.25 8.25 -23.13
C VAL B 18 -10.35 8.06 -22.08
N LEU B 19 -11.45 7.44 -22.49
CA LEU B 19 -12.56 7.17 -21.60
C LEU B 19 -12.22 6.01 -20.69
N GLN B 20 -11.24 5.21 -21.08
CA GLN B 20 -10.86 4.07 -20.25
C GLN B 20 -9.91 4.51 -19.13
N GLN B 21 -8.95 5.35 -19.46
CA GLN B 21 -8.01 5.85 -18.49
C GLN B 21 -8.83 6.61 -17.45
N LEU B 22 -9.99 7.05 -17.89
CA LEU B 22 -10.90 7.79 -17.04
C LEU B 22 -11.41 6.80 -16.03
N ILE B 23 -11.96 5.72 -16.52
CA ILE B 23 -12.51 4.70 -15.65
C ILE B 23 -11.41 4.08 -14.77
N ASP B 24 -10.30 3.71 -15.39
CA ASP B 24 -9.21 3.10 -14.64
C ASP B 24 -8.70 3.97 -13.49
N SER B 25 -8.98 5.26 -13.55
CA SER B 25 -8.51 6.16 -12.49
C SER B 25 -9.46 6.39 -11.32
N GLN B 26 -10.64 5.79 -11.34
CA GLN B 26 -11.60 6.03 -10.28
C GLN B 26 -11.52 5.15 -9.07
N MET B 27 -11.64 5.76 -7.89
CA MET B 27 -11.57 5.00 -6.65
C MET B 27 -12.80 4.15 -6.47
N GLU B 28 -12.58 2.89 -6.17
CA GLU B 28 -13.68 1.97 -5.97
C GLU B 28 -14.24 2.12 -4.58
N THR B 29 -15.32 2.88 -4.42
CA THR B 29 -15.92 3.03 -3.10
C THR B 29 -17.36 2.55 -3.06
N SER B 30 -18.02 2.74 -1.93
CA SER B 30 -19.39 2.33 -1.78
C SER B 30 -20.30 3.38 -2.41
N CYS B 31 -19.70 4.48 -2.84
CA CYS B 31 -20.47 5.54 -3.44
C CYS B 31 -21.43 5.14 -4.55
N GLN B 32 -22.65 5.64 -4.50
CA GLN B 32 -23.58 5.37 -5.57
C GLN B 32 -24.46 6.59 -5.79
N ILE B 33 -24.41 7.11 -7.01
CA ILE B 33 -25.15 8.30 -7.40
C ILE B 33 -26.36 8.03 -8.26
N ALA B 34 -27.26 9.01 -8.30
CA ALA B 34 -28.48 8.90 -9.07
C ALA B 34 -28.29 9.54 -10.44
N PHE B 35 -28.96 9.01 -11.45
CA PHE B 35 -28.88 9.56 -12.79
C PHE B 35 -30.01 9.03 -13.68
N GLU B 36 -30.29 9.75 -14.76
CA GLU B 36 -31.36 9.37 -15.68
C GLU B 36 -30.79 8.61 -16.85
N PHE B 37 -31.25 7.38 -17.05
CA PHE B 37 -30.77 6.60 -18.17
C PHE B 37 -31.83 5.61 -18.60
N VAL B 38 -31.64 5.03 -19.79
CA VAL B 38 -32.60 4.08 -20.34
C VAL B 38 -32.70 2.75 -19.59
N ASP B 39 -33.94 2.33 -19.40
CA ASP B 39 -34.28 1.10 -18.69
C ASP B 39 -34.46 -0.08 -19.63
N GLN B 40 -33.46 -0.95 -19.69
CA GLN B 40 -33.54 -2.12 -20.56
C GLN B 40 -34.78 -2.95 -20.27
N GLU B 41 -35.36 -2.76 -19.10
CA GLU B 41 -36.54 -3.51 -18.72
C GLU B 41 -37.72 -3.20 -19.64
N GLN B 42 -37.64 -2.07 -20.33
CA GLN B 42 -38.70 -1.68 -21.25
C GLN B 42 -38.16 -1.26 -22.61
N LEU B 43 -36.98 -1.75 -22.95
CA LEU B 43 -36.39 -1.42 -24.24
C LEU B 43 -35.43 -2.53 -24.64
N ASP B 44 -35.89 -3.40 -25.54
CA ASP B 44 -35.11 -4.54 -26.00
C ASP B 44 -34.33 -4.27 -27.28
N ASP B 45 -34.86 -3.40 -28.13
CA ASP B 45 -34.20 -3.09 -29.39
C ASP B 45 -32.88 -2.38 -29.19
N PRO B 46 -31.77 -3.00 -29.63
CA PRO B 46 -30.44 -2.42 -29.50
C PRO B 46 -30.30 -1.16 -30.33
N VAL B 47 -30.97 -1.16 -31.49
CA VAL B 47 -30.91 -0.02 -32.38
C VAL B 47 -31.50 1.22 -31.71
N CYS B 48 -32.56 1.01 -30.93
CA CYS B 48 -33.24 2.12 -30.26
C CYS B 48 -32.71 2.39 -28.85
N TYR B 49 -31.85 1.50 -28.37
CA TYR B 49 -31.28 1.69 -27.05
C TYR B 49 -30.37 2.89 -27.26
N LEU B 50 -29.40 2.72 -28.15
CA LEU B 50 -28.45 3.77 -28.47
C LEU B 50 -29.14 5.07 -28.83
N LYS B 51 -30.29 4.95 -29.48
CA LYS B 51 -31.06 6.12 -29.91
C LYS B 51 -31.63 6.83 -28.69
N LYS B 52 -32.36 6.10 -27.88
CA LYS B 52 -32.96 6.65 -26.68
C LYS B 52 -31.88 7.15 -25.72
N ALA B 53 -30.71 6.53 -25.78
CA ALA B 53 -29.61 6.89 -24.90
C ALA B 53 -28.81 8.13 -25.28
N PHE B 54 -28.70 8.44 -26.56
CA PHE B 54 -27.91 9.58 -26.97
C PHE B 54 -28.14 10.82 -26.09
N PHE B 55 -29.38 11.30 -26.03
CA PHE B 55 -29.73 12.48 -25.24
C PHE B 55 -29.22 12.35 -23.80
N LEU B 56 -29.69 11.31 -23.12
CA LEU B 56 -29.30 11.03 -21.74
C LEU B 56 -27.80 11.08 -21.57
N VAL B 57 -27.11 10.34 -22.42
CA VAL B 57 -25.68 10.31 -22.39
C VAL B 57 -25.15 11.72 -22.42
N GLN B 58 -25.53 12.51 -23.42
CA GLN B 58 -25.04 13.89 -23.52
C GLN B 58 -25.26 14.66 -22.23
N ASP B 59 -26.36 14.37 -21.54
CA ASP B 59 -26.66 15.00 -20.27
C ASP B 59 -25.59 14.50 -19.32
N ILE B 60 -25.51 13.18 -19.16
CA ILE B 60 -24.50 12.59 -18.28
C ILE B 60 -23.19 13.36 -18.48
N ILE B 61 -22.66 13.32 -19.69
CA ILE B 61 -21.41 13.98 -20.00
C ILE B 61 -21.32 15.45 -19.57
N ASP B 62 -22.44 16.15 -19.64
CA ASP B 62 -22.48 17.57 -19.31
C ASP B 62 -22.71 17.90 -17.84
N GLU B 63 -23.56 17.11 -17.18
CA GLU B 63 -23.86 17.34 -15.77
C GLU B 63 -23.04 16.49 -14.79
N THR B 64 -23.11 15.18 -14.92
CA THR B 64 -22.42 14.27 -14.01
C THR B 64 -20.90 14.16 -14.14
N MET B 65 -20.41 13.90 -15.33
CA MET B 65 -18.98 13.76 -15.52
C MET B 65 -18.21 15.02 -15.27
N ARG B 66 -18.18 15.50 -14.04
CA ARG B 66 -17.44 16.73 -13.79
C ARG B 66 -16.09 16.47 -13.13
N PHE B 67 -15.03 16.98 -13.74
CA PHE B 67 -13.69 16.82 -13.22
C PHE B 67 -13.08 18.20 -13.07
N LYS B 68 -11.96 18.30 -12.37
CA LYS B 68 -11.30 19.58 -12.13
C LYS B 68 -10.82 20.13 -13.46
N ASP B 69 -10.79 21.46 -13.57
CA ASP B 69 -10.36 22.09 -14.81
C ASP B 69 -8.91 21.86 -15.21
N ASN B 70 -8.71 21.64 -16.50
CA ASN B 70 -7.38 21.41 -17.07
C ASN B 70 -6.69 20.16 -16.58
N THR B 71 -7.46 19.17 -16.17
CA THR B 71 -6.86 17.93 -15.70
C THR B 71 -7.09 16.92 -16.81
N PRO B 72 -6.18 15.95 -16.95
CA PRO B 72 -6.35 14.95 -17.99
C PRO B 72 -7.76 14.44 -18.11
N ASN B 73 -8.38 14.09 -16.99
CA ASN B 73 -9.75 13.59 -17.04
C ASN B 73 -10.71 14.69 -17.47
N ALA B 74 -10.35 15.94 -17.19
CA ALA B 74 -11.18 17.06 -17.58
C ALA B 74 -11.18 17.10 -19.10
N ASN B 75 -9.99 17.24 -19.66
CA ASN B 75 -9.82 17.28 -21.10
C ASN B 75 -10.46 16.05 -21.69
N ALA B 76 -10.28 14.92 -21.03
CA ALA B 76 -10.86 13.66 -21.50
C ALA B 76 -12.36 13.83 -21.69
N THR B 77 -12.99 14.60 -20.81
CA THR B 77 -14.42 14.83 -20.90
C THR B 77 -14.69 15.89 -21.95
N GLU B 78 -13.82 16.89 -21.99
CA GLU B 78 -13.92 17.97 -22.95
C GLU B 78 -14.20 17.35 -24.31
N ARG B 79 -13.21 16.62 -24.82
CA ARG B 79 -13.32 15.97 -26.11
C ARG B 79 -14.52 15.04 -26.16
N LEU B 80 -14.66 14.24 -25.12
CA LEU B 80 -15.76 13.30 -25.03
C LEU B 80 -17.08 14.03 -25.24
N GLN B 81 -17.06 15.34 -25.09
CA GLN B 81 -18.25 16.17 -25.26
C GLN B 81 -18.35 16.64 -26.71
N GLU B 82 -17.27 17.21 -27.20
CA GLU B 82 -17.22 17.70 -28.57
C GLU B 82 -17.73 16.57 -29.44
N LEU B 83 -17.21 15.37 -29.21
CA LEU B 83 -17.64 14.20 -29.95
C LEU B 83 -19.15 14.15 -29.88
N SER B 84 -19.68 14.10 -28.66
CA SER B 84 -21.12 14.03 -28.43
C SER B 84 -21.88 15.09 -29.24
N ASN B 85 -21.30 16.29 -29.32
CA ASN B 85 -21.94 17.36 -30.06
C ASN B 85 -21.82 17.13 -31.57
N ASN B 86 -20.60 16.79 -32.01
CA ASN B 86 -20.37 16.52 -33.43
C ASN B 86 -21.09 15.23 -33.81
N LEU B 87 -21.86 14.68 -32.87
CA LEU B 87 -22.56 13.44 -33.11
C LEU B 87 -24.07 13.61 -33.28
N ASN B 88 -24.55 14.84 -33.28
CA ASN B 88 -25.98 15.07 -33.45
C ASN B 88 -26.22 14.83 -34.93
N SER B 89 -25.15 15.01 -35.69
CA SER B 89 -25.14 14.86 -37.15
C SER B 89 -25.24 13.40 -37.56
N CYS B 90 -25.98 12.59 -36.81
CA CYS B 90 -26.13 11.19 -37.17
C CYS B 90 -27.27 10.45 -36.50
N PHE B 91 -27.97 11.15 -35.62
CA PHE B 91 -29.09 10.54 -34.94
C PHE B 91 -30.33 11.27 -35.46
N THR B 92 -31.25 10.54 -36.11
CA THR B 92 -32.43 11.23 -36.60
C THR B 92 -33.52 11.20 -35.54
N LYS B 93 -33.96 12.39 -35.13
CA LYS B 93 -35.00 12.51 -34.13
C LYS B 93 -36.19 11.63 -34.46
N ASP B 94 -36.93 11.23 -33.43
CA ASP B 94 -38.12 10.40 -33.65
C ASP B 94 -39.35 11.16 -33.15
N TYR B 95 -40.51 10.50 -33.22
CA TYR B 95 -41.76 11.10 -32.76
C TYR B 95 -41.69 11.15 -31.23
N GLU B 96 -41.42 12.34 -30.70
CA GLU B 96 -41.25 12.54 -29.26
C GLU B 96 -42.38 12.98 -28.33
N GLU B 97 -43.60 12.51 -28.54
CA GLU B 97 -44.65 12.85 -27.60
C GLU B 97 -44.28 11.93 -26.44
N GLN B 98 -44.77 12.21 -25.23
CA GLN B 98 -44.44 11.38 -24.08
C GLN B 98 -42.90 11.29 -23.99
N ASN B 99 -42.26 12.45 -24.02
CA ASN B 99 -40.81 12.62 -23.98
C ASN B 99 -40.02 11.67 -23.08
N LYS B 100 -40.35 11.68 -21.80
CA LYS B 100 -39.68 10.85 -20.80
C LYS B 100 -40.04 9.36 -20.84
N ALA B 101 -40.48 8.86 -21.98
CA ALA B 101 -40.81 7.45 -22.08
C ALA B 101 -39.52 6.66 -22.23
N CYS B 102 -39.54 5.45 -21.69
CA CYS B 102 -38.38 4.57 -21.76
C CYS B 102 -37.22 4.98 -20.85
N VAL B 103 -37.35 6.11 -20.16
CA VAL B 103 -36.28 6.56 -19.28
C VAL B 103 -36.65 6.31 -17.82
N ARG B 104 -35.66 5.96 -17.01
CA ARG B 104 -35.84 5.67 -15.60
C ARG B 104 -34.65 6.21 -14.78
N THR B 105 -34.89 6.51 -13.51
CA THR B 105 -33.79 7.00 -12.67
C THR B 105 -33.00 5.83 -12.14
N PHE B 106 -31.67 5.97 -12.15
CA PHE B 106 -30.78 4.90 -11.68
C PHE B 106 -29.90 5.32 -10.53
N HIS B 107 -29.75 4.42 -9.57
CA HIS B 107 -28.91 4.65 -8.39
C HIS B 107 -27.78 3.64 -8.39
N GLU B 108 -26.64 4.00 -8.97
CA GLU B 108 -25.53 3.06 -9.03
C GLU B 108 -24.18 3.72 -8.80
N THR B 109 -23.14 2.92 -8.75
CA THR B 109 -21.81 3.45 -8.52
C THR B 109 -21.37 4.19 -9.75
N PRO B 110 -20.47 5.15 -9.58
CA PRO B 110 -20.00 5.88 -10.76
C PRO B 110 -19.38 4.86 -11.68
N LEU B 111 -18.88 3.79 -11.06
CA LEU B 111 -18.24 2.72 -11.76
C LEU B 111 -19.19 2.29 -12.85
N GLN B 112 -20.40 1.91 -12.47
CA GLN B 112 -21.37 1.54 -13.47
C GLN B 112 -21.54 2.67 -14.48
N LEU B 113 -22.30 3.69 -14.11
CA LEU B 113 -22.53 4.82 -15.00
C LEU B 113 -21.42 4.99 -16.03
N LEU B 114 -20.19 5.20 -15.58
CA LEU B 114 -19.09 5.36 -16.52
C LEU B 114 -19.14 4.30 -17.59
N GLU B 115 -19.46 3.08 -17.17
CA GLU B 115 -19.54 1.95 -18.08
C GLU B 115 -20.66 2.17 -19.09
N LYS B 116 -21.83 2.57 -18.58
CA LYS B 116 -22.99 2.80 -19.42
C LYS B 116 -22.60 3.78 -20.52
N ILE B 117 -21.70 4.70 -20.19
CA ILE B 117 -21.26 5.66 -21.18
C ILE B 117 -20.23 4.97 -22.04
N LYS B 118 -19.53 4.03 -21.45
CA LYS B 118 -18.49 3.31 -22.20
C LYS B 118 -19.07 2.56 -23.39
N ASN B 119 -20.02 1.68 -23.14
CA ASN B 119 -20.59 0.89 -24.22
C ASN B 119 -21.41 1.69 -25.20
N PHE B 120 -21.88 2.87 -24.80
CA PHE B 120 -22.65 3.68 -25.72
C PHE B 120 -21.78 4.06 -26.91
N PHE B 121 -20.67 4.74 -26.64
CA PHE B 121 -19.74 5.14 -27.69
C PHE B 121 -19.10 3.90 -28.29
N ASN B 122 -19.41 2.74 -27.73
CA ASN B 122 -18.85 1.51 -28.22
C ASN B 122 -19.80 0.96 -29.26
N GLU B 123 -20.99 0.59 -28.81
CA GLU B 123 -22.00 0.06 -29.71
C GLU B 123 -22.21 1.06 -30.82
N THR B 124 -21.96 2.33 -30.53
CA THR B 124 -22.14 3.38 -31.51
C THR B 124 -21.01 3.32 -32.53
N LYS B 125 -19.76 3.41 -32.05
CA LYS B 125 -18.62 3.35 -32.94
C LYS B 125 -18.58 2.01 -33.66
N ASN B 126 -19.41 1.08 -33.18
CA ASN B 126 -19.50 -0.26 -33.78
C ASN B 126 -20.49 -0.25 -34.94
N LEU B 127 -21.75 0.06 -34.63
CA LEU B 127 -22.81 0.11 -35.64
C LEU B 127 -22.52 1.12 -36.75
N LEU B 128 -21.99 2.28 -36.39
CA LEU B 128 -21.68 3.30 -37.39
C LEU B 128 -20.61 2.82 -38.37
N GLU B 129 -19.76 1.89 -37.92
CA GLU B 129 -18.72 1.35 -38.82
C GLU B 129 -19.38 0.38 -39.79
N LYS B 130 -20.44 -0.29 -39.36
CA LYS B 130 -21.18 -1.22 -40.20
C LYS B 130 -21.89 -0.39 -41.28
N ASP B 131 -22.57 0.67 -40.84
CA ASP B 131 -23.25 1.59 -41.75
C ASP B 131 -23.73 2.85 -41.06
N TRP B 132 -23.23 3.98 -41.54
CA TRP B 132 -23.56 5.29 -41.00
C TRP B 132 -25.03 5.63 -41.01
N ASN B 133 -25.79 4.98 -41.89
CA ASN B 133 -27.21 5.28 -41.94
C ASN B 133 -27.96 4.64 -40.80
N ILE B 134 -27.28 3.75 -40.07
CA ILE B 134 -27.91 3.13 -38.92
C ILE B 134 -28.16 4.38 -38.05
N PHE B 135 -28.95 4.28 -36.99
CA PHE B 135 -29.23 5.45 -36.14
C PHE B 135 -30.20 6.35 -36.90
N THR B 136 -30.56 5.93 -38.14
CA THR B 136 -31.51 6.67 -38.99
C THR B 136 -32.84 5.92 -38.98
N LYS B 137 -32.86 4.83 -38.24
CA LYS B 137 -34.05 3.99 -38.11
C LYS B 137 -35.17 4.70 -37.38
N ASN B 138 -36.39 4.21 -37.57
CA ASN B 138 -37.55 4.79 -36.92
C ASN B 138 -37.82 3.96 -35.66
N CYS B 139 -37.84 4.61 -34.50
CA CYS B 139 -38.04 3.90 -33.23
C CYS B 139 -39.36 4.13 -32.51
N ASN B 140 -40.34 4.70 -33.19
CA ASN B 140 -41.63 4.96 -32.56
C ASN B 140 -42.31 3.68 -32.09
N ASN B 141 -42.21 2.63 -32.90
CA ASN B 141 -42.81 1.34 -32.54
C ASN B 141 -42.15 0.85 -31.27
N SER B 142 -40.85 1.13 -31.16
CA SER B 142 -40.05 0.71 -30.02
C SER B 142 -40.47 1.44 -28.75
N PHE B 143 -40.45 2.77 -28.81
CA PHE B 143 -40.81 3.58 -27.65
C PHE B 143 -42.25 3.38 -27.18
N ALA B 144 -43.14 3.05 -28.11
CA ALA B 144 -44.54 2.83 -27.75
C ALA B 144 -44.63 1.64 -26.80
N LYS B 145 -43.65 0.75 -26.87
CA LYS B 145 -43.63 -0.42 -26.01
C LYS B 145 -43.32 -0.11 -24.55
N CYS B 146 -42.56 0.96 -24.31
CA CYS B 146 -42.19 1.37 -22.95
C CYS B 146 -43.41 1.74 -22.12
N SER B 147 -43.76 0.90 -21.15
CA SER B 147 -44.92 1.16 -20.30
C SER B 147 -44.56 1.84 -18.98
N SER B 148 -45.55 2.50 -18.39
CA SER B 148 -45.40 3.21 -17.12
C SER B 148 -44.41 4.37 -17.22
N ALA C 4 16.11 -43.87 3.12
CA ALA C 4 15.89 -42.82 4.14
C ALA C 4 16.05 -43.41 5.53
N PRO C 5 16.47 -42.60 6.52
CA PRO C 5 16.67 -43.02 7.91
C PRO C 5 15.37 -43.43 8.61
N VAL C 6 15.49 -43.92 9.83
CA VAL C 6 14.34 -44.31 10.63
C VAL C 6 14.40 -43.53 11.93
N ILE C 7 13.24 -43.04 12.40
CA ILE C 7 13.21 -42.26 13.62
C ILE C 7 12.43 -42.94 14.72
N GLU C 8 12.81 -42.64 15.96
CA GLU C 8 12.16 -43.16 17.15
C GLU C 8 12.02 -42.00 18.13
N PRO C 9 10.87 -41.86 18.81
CA PRO C 9 9.72 -42.74 18.68
C PRO C 9 9.30 -42.25 17.35
N SER C 10 8.39 -42.91 16.66
CA SER C 10 8.15 -42.27 15.43
C SER C 10 6.82 -42.31 14.81
N GLY C 11 6.78 -41.50 13.77
CA GLY C 11 5.60 -41.30 12.96
C GLY C 11 5.71 -39.87 12.52
N PRO C 12 4.57 -39.24 12.27
CA PRO C 12 4.47 -37.85 11.81
C PRO C 12 4.61 -36.84 12.96
N GLU C 13 3.62 -36.81 13.84
CA GLU C 13 3.57 -35.89 14.96
C GLU C 13 3.54 -36.49 16.35
N LEU C 14 4.46 -36.02 17.19
CA LEU C 14 4.57 -36.49 18.55
C LEU C 14 4.15 -35.36 19.50
N VAL C 15 3.30 -35.67 20.46
CA VAL C 15 2.84 -34.67 21.43
C VAL C 15 3.10 -35.18 22.83
N VAL C 16 3.65 -34.32 23.68
CA VAL C 16 3.93 -34.72 25.05
C VAL C 16 3.53 -33.63 26.04
N GLU C 17 3.45 -33.97 27.31
CA GLU C 17 3.13 -33.02 28.37
C GLU C 17 4.48 -32.44 28.74
N PRO C 18 4.52 -31.21 29.25
CA PRO C 18 5.86 -30.69 29.59
C PRO C 18 6.51 -31.48 30.71
N GLY C 19 7.83 -31.36 30.83
CA GLY C 19 8.52 -32.07 31.90
C GLY C 19 8.90 -33.47 31.49
N GLU C 20 8.03 -34.13 30.73
CA GLU C 20 8.29 -35.47 30.24
C GLU C 20 9.66 -35.53 29.61
N THR C 21 10.25 -36.71 29.59
CA THR C 21 11.55 -36.92 28.98
C THR C 21 11.28 -37.35 27.55
N VAL C 22 12.15 -36.97 26.63
CA VAL C 22 11.93 -37.34 25.24
C VAL C 22 13.24 -37.53 24.52
N THR C 23 13.35 -38.62 23.77
CA THR C 23 14.55 -38.87 23.01
C THR C 23 14.13 -39.08 21.58
N LEU C 24 14.91 -38.51 20.68
CA LEU C 24 14.66 -38.63 19.27
C LEU C 24 15.83 -39.39 18.74
N ARG C 25 15.59 -40.64 18.36
CA ARG C 25 16.66 -41.48 17.84
C ARG C 25 16.55 -41.58 16.35
N CYS C 26 17.66 -41.44 15.65
CA CYS C 26 17.64 -41.59 14.21
C CYS C 26 18.38 -42.87 13.88
N VAL C 27 17.62 -43.94 13.63
CA VAL C 27 18.16 -45.25 13.31
C VAL C 27 18.63 -45.32 11.88
N SER C 28 19.94 -45.28 11.67
CA SER C 28 20.47 -45.33 10.32
C SER C 28 21.90 -45.81 10.26
N ASN C 29 22.32 -46.26 9.07
CA ASN C 29 23.66 -46.75 8.83
C ASN C 29 24.73 -45.68 9.10
N GLY C 30 25.66 -46.00 9.99
CA GLY C 30 26.73 -45.07 10.31
C GLY C 30 26.27 -43.67 10.67
N SER C 31 27.06 -42.68 10.28
CA SER C 31 26.78 -41.28 10.58
C SER C 31 25.59 -40.69 9.82
N VAL C 32 24.80 -39.89 10.54
CA VAL C 32 23.63 -39.21 10.00
C VAL C 32 23.70 -37.79 10.58
N GLU C 33 22.65 -37.00 10.42
CA GLU C 33 22.68 -35.63 10.96
C GLU C 33 21.30 -35.06 11.23
N TRP C 34 21.17 -34.34 12.34
CA TRP C 34 19.89 -33.71 12.71
C TRP C 34 19.76 -32.26 12.30
N ASP C 35 18.88 -32.00 11.33
CA ASP C 35 18.61 -30.63 10.90
C ASP C 35 17.50 -30.27 11.85
N GLY C 36 17.74 -29.37 12.78
CA GLY C 36 16.68 -29.06 13.70
C GLY C 36 16.63 -27.67 14.28
N PRO C 37 15.44 -27.23 14.68
CA PRO C 37 15.20 -25.92 15.26
C PRO C 37 15.63 -26.01 16.69
N ILE C 38 16.82 -26.54 16.97
CA ILE C 38 17.15 -26.61 18.36
C ILE C 38 18.57 -26.69 18.88
N SER C 39 18.73 -25.97 19.99
CA SER C 39 19.94 -25.77 20.77
C SER C 39 19.61 -24.39 21.33
N PRO C 40 19.81 -24.20 22.64
CA PRO C 40 20.35 -25.14 23.63
C PRO C 40 19.27 -25.74 24.53
N TYR C 41 18.28 -26.40 23.96
CA TYR C 41 17.23 -26.98 24.79
C TYR C 41 17.13 -28.50 24.62
N TRP C 42 17.98 -29.05 23.74
CA TRP C 42 18.07 -30.49 23.49
C TRP C 42 19.52 -30.90 23.69
N THR C 43 19.78 -32.20 23.83
CA THR C 43 21.14 -32.70 23.99
C THR C 43 21.45 -33.61 22.80
N LEU C 44 22.62 -33.43 22.19
CA LEU C 44 22.99 -34.23 21.03
C LEU C 44 23.94 -35.36 21.37
N ASP C 45 24.09 -36.30 20.45
CA ASP C 45 24.97 -37.46 20.63
C ASP C 45 25.05 -38.23 19.31
N PRO C 46 25.81 -37.69 18.33
CA PRO C 46 25.98 -38.32 17.01
C PRO C 46 27.01 -39.44 17.04
N GLU C 47 26.55 -40.69 17.06
CA GLU C 47 27.45 -41.83 17.10
C GLU C 47 27.44 -42.72 15.86
N SER C 48 27.52 -44.03 16.09
CA SER C 48 27.53 -45.02 15.03
C SER C 48 26.15 -45.36 14.48
N PRO C 49 25.22 -45.76 15.35
CA PRO C 49 23.85 -46.11 14.93
C PRO C 49 23.05 -44.90 14.44
N GLY C 50 23.69 -43.74 14.44
CA GLY C 50 23.03 -42.52 14.02
C GLY C 50 23.17 -41.47 15.10
N SER C 51 22.21 -40.54 15.17
CA SER C 51 22.26 -39.48 16.17
C SER C 51 21.03 -39.53 17.07
N THR C 52 21.12 -38.89 18.22
CA THR C 52 20.03 -38.85 19.16
C THR C 52 19.92 -37.48 19.75
N LEU C 53 18.68 -37.06 20.00
CA LEU C 53 18.40 -35.76 20.60
C LEU C 53 17.66 -36.09 21.88
N THR C 54 18.10 -35.50 23.00
CA THR C 54 17.43 -35.79 24.27
C THR C 54 17.16 -34.61 25.17
N THR C 55 16.11 -34.74 25.98
CA THR C 55 15.73 -33.72 26.95
C THR C 55 15.07 -34.45 28.12
N ARG C 56 15.44 -34.07 29.34
CA ARG C 56 14.88 -34.68 30.53
C ARG C 56 13.66 -33.87 30.96
N ASN C 57 13.57 -32.67 30.40
CA ASN C 57 12.45 -31.76 30.65
C ASN C 57 11.96 -31.19 29.34
N ALA C 58 10.96 -31.84 28.77
CA ALA C 58 10.39 -31.39 27.52
C ALA C 58 9.66 -30.10 27.83
N THR C 59 10.13 -29.00 27.24
CA THR C 59 9.50 -27.71 27.46
C THR C 59 8.86 -27.25 26.15
N PHE C 60 8.00 -26.24 26.21
CA PHE C 60 7.36 -25.77 25.01
C PHE C 60 8.42 -25.32 24.01
N LYS C 61 9.56 -24.88 24.50
CA LYS C 61 10.62 -24.44 23.63
C LYS C 61 11.14 -25.60 22.78
N ASN C 62 10.66 -26.81 23.08
CA ASN C 62 11.08 -27.99 22.32
C ASN C 62 10.17 -28.24 21.14
N THR C 63 9.03 -27.56 21.11
CA THR C 63 8.11 -27.72 20.00
C THR C 63 8.84 -27.37 18.72
N GLY C 64 8.66 -28.17 17.68
CA GLY C 64 9.35 -27.88 16.44
C GLY C 64 9.52 -29.08 15.52
N THR C 65 10.08 -28.85 14.35
CA THR C 65 10.28 -29.88 13.35
C THR C 65 11.72 -30.36 13.30
N TYR C 66 11.90 -31.65 13.45
CA TYR C 66 13.25 -32.17 13.41
C TYR C 66 13.42 -33.11 12.23
N ARG C 67 14.51 -32.92 11.51
CA ARG C 67 14.83 -33.72 10.35
C ARG C 67 16.19 -34.38 10.52
N CYS C 68 16.28 -35.63 10.10
CA CYS C 68 17.50 -36.38 10.20
C CYS C 68 17.83 -36.79 8.78
N THR C 69 19.01 -36.43 8.32
CA THR C 69 19.40 -36.74 6.95
C THR C 69 20.66 -37.60 6.85
N GLU C 70 20.64 -38.52 5.89
CA GLU C 70 21.78 -39.42 5.65
C GLU C 70 23.04 -38.62 5.34
N LEU C 71 23.91 -38.47 6.34
CA LEU C 71 25.14 -37.72 6.14
C LEU C 71 25.77 -38.05 4.80
N GLU C 72 26.21 -39.30 4.65
CA GLU C 72 26.81 -39.76 3.40
C GLU C 72 27.89 -38.81 2.89
N SER C 78 16.57 -37.15 5.54
CA SER C 78 15.64 -37.82 4.65
C SER C 78 14.48 -38.37 5.46
N THR C 79 14.33 -37.88 6.69
CA THR C 79 13.24 -38.32 7.55
C THR C 79 12.91 -37.25 8.57
N THR C 80 11.64 -36.89 8.66
CA THR C 80 11.22 -35.83 9.57
C THR C 80 10.12 -36.14 10.59
N ILE C 81 10.24 -35.56 11.78
CA ILE C 81 9.22 -35.69 12.80
C ILE C 81 9.05 -34.32 13.44
N HIS C 82 7.83 -34.00 13.85
CA HIS C 82 7.52 -32.71 14.46
C HIS C 82 7.00 -32.90 15.86
N LEU C 83 7.61 -32.21 16.81
CA LEU C 83 7.23 -32.35 18.20
C LEU C 83 6.47 -31.16 18.78
N TYR C 84 5.29 -31.42 19.34
CA TYR C 84 4.46 -30.41 20.00
C TYR C 84 4.55 -30.69 21.51
N VAL C 85 4.80 -29.66 22.31
CA VAL C 85 4.84 -29.85 23.77
C VAL C 85 3.66 -29.08 24.35
N LYS C 86 2.54 -29.78 24.50
CA LYS C 86 1.29 -29.23 25.00
C LYS C 86 1.36 -28.53 26.35
N ASP C 87 1.62 -27.24 26.32
CA ASP C 87 1.68 -26.44 27.55
C ASP C 87 0.65 -25.32 27.44
N PRO C 88 -0.25 -25.21 28.42
CA PRO C 88 -1.31 -24.18 28.42
C PRO C 88 -0.86 -22.74 28.72
N ALA C 89 0.26 -22.58 29.40
CA ALA C 89 0.73 -21.25 29.71
C ALA C 89 1.28 -20.63 28.43
N HIS C 90 1.79 -21.48 27.56
CA HIS C 90 2.36 -21.04 26.30
C HIS C 90 1.78 -21.78 25.10
N SER C 91 1.12 -21.03 24.22
CA SER C 91 0.53 -21.62 23.02
C SER C 91 1.48 -21.44 21.87
N TRP C 92 2.58 -20.76 22.09
CA TRP C 92 3.50 -20.54 21.00
C TRP C 92 4.97 -20.68 21.29
N ASN C 93 5.70 -21.23 20.33
CA ASN C 93 7.13 -21.34 20.45
C ASN C 93 7.71 -20.54 19.30
N LEU C 94 8.36 -19.44 19.67
CA LEU C 94 8.99 -18.49 18.75
C LEU C 94 10.39 -18.90 18.35
N LEU C 95 10.59 -19.23 17.08
CA LEU C 95 11.92 -19.63 16.62
C LEU C 95 12.81 -18.46 16.30
N ALA C 96 12.20 -17.32 16.05
CA ALA C 96 12.96 -16.11 15.74
C ALA C 96 12.03 -14.93 15.98
N GLN C 97 12.61 -13.75 16.21
CA GLN C 97 11.83 -12.54 16.47
C GLN C 97 11.88 -11.57 15.35
N GLU C 98 12.66 -11.87 14.32
CA GLU C 98 12.73 -11.00 13.18
C GLU C 98 13.02 -11.83 11.96
N VAL C 99 12.35 -11.50 10.87
CA VAL C 99 12.47 -12.21 9.61
C VAL C 99 12.68 -11.20 8.53
N THR C 100 13.56 -11.50 7.58
CA THR C 100 13.84 -10.60 6.48
C THR C 100 13.68 -11.37 5.19
N VAL C 101 13.09 -10.76 4.18
CA VAL C 101 12.89 -11.47 2.94
C VAL C 101 12.85 -10.46 1.81
N VAL C 102 12.70 -10.94 0.58
CA VAL C 102 12.65 -10.05 -0.57
C VAL C 102 11.27 -10.00 -1.21
N GLU C 103 10.94 -8.86 -1.79
CA GLU C 103 9.66 -8.70 -2.42
C GLU C 103 9.34 -9.99 -3.17
N GLY C 104 8.07 -10.32 -3.32
CA GLY C 104 7.68 -11.52 -4.03
C GLY C 104 7.97 -12.84 -3.34
N GLN C 105 8.88 -12.83 -2.39
CA GLN C 105 9.26 -14.03 -1.66
C GLN C 105 8.26 -14.50 -0.60
N GLU C 106 8.42 -15.73 -0.15
CA GLU C 106 7.57 -16.31 0.89
C GLU C 106 8.17 -15.86 2.21
N ALA C 107 7.33 -15.60 3.20
CA ALA C 107 7.82 -15.16 4.48
C ALA C 107 7.19 -15.96 5.57
N VAL C 108 8.00 -16.71 6.31
CA VAL C 108 7.47 -17.52 7.38
C VAL C 108 7.61 -16.78 8.68
N LEU C 109 6.53 -16.73 9.45
CA LEU C 109 6.52 -16.10 10.75
C LEU C 109 6.44 -17.30 11.70
N PRO C 110 7.62 -17.81 12.13
CA PRO C 110 7.84 -18.95 13.02
C PRO C 110 7.09 -18.98 14.34
N CYS C 111 5.78 -18.83 14.24
CA CYS C 111 4.87 -18.90 15.35
C CYS C 111 4.50 -20.35 15.41
N LEU C 112 5.30 -21.21 16.04
CA LEU C 112 4.88 -22.59 16.08
C LEU C 112 3.96 -22.89 17.22
N ILE C 113 2.74 -23.30 16.89
CA ILE C 113 1.70 -23.66 17.85
C ILE C 113 2.18 -24.88 18.66
N THR C 114 1.80 -24.96 19.94
CA THR C 114 2.25 -26.08 20.79
C THR C 114 1.22 -27.15 21.13
N ASP C 115 0.05 -27.07 20.52
CA ASP C 115 -0.98 -28.02 20.82
C ASP C 115 -1.84 -28.12 19.56
N PRO C 116 -1.74 -29.25 18.85
CA PRO C 116 -2.51 -29.45 17.62
C PRO C 116 -3.99 -29.11 17.79
N ALA C 117 -4.47 -29.19 19.02
CA ALA C 117 -5.87 -28.89 19.32
C ALA C 117 -6.18 -27.44 19.00
N LEU C 118 -5.20 -26.57 19.18
CA LEU C 118 -5.38 -25.14 18.94
C LEU C 118 -5.50 -24.80 17.46
N LYS C 119 -5.24 -25.79 16.62
CA LYS C 119 -5.30 -25.65 15.17
C LYS C 119 -6.37 -24.69 14.62
N ASP C 120 -7.52 -24.60 15.27
CA ASP C 120 -8.60 -23.75 14.79
C ASP C 120 -8.93 -22.51 15.60
N SER C 121 -8.08 -22.18 16.54
CA SER C 121 -8.32 -21.00 17.34
C SER C 121 -7.16 -20.03 17.17
N VAL C 122 -6.55 -20.05 15.99
CA VAL C 122 -5.41 -19.20 15.65
C VAL C 122 -5.73 -17.96 14.80
N SER C 123 -4.97 -16.88 14.99
CA SER C 123 -5.13 -15.64 14.21
C SER C 123 -3.88 -14.73 14.19
N LEU C 124 -3.58 -14.18 13.02
CA LEU C 124 -2.44 -13.31 12.82
C LEU C 124 -2.88 -11.87 13.00
N MET C 125 -2.16 -11.12 13.82
CA MET C 125 -2.51 -9.74 14.10
C MET C 125 -1.30 -8.85 14.00
N ARG C 126 -1.55 -7.55 14.17
CA ARG C 126 -0.51 -6.52 14.23
C ARG C 126 -0.56 -6.14 15.70
N GLU C 127 0.32 -5.26 16.16
CA GLU C 127 0.28 -4.90 17.57
C GLU C 127 -1.00 -4.15 17.97
N GLY C 128 -1.26 -4.05 19.27
CA GLY C 128 -2.43 -3.35 19.71
C GLY C 128 -3.77 -3.94 19.34
N GLY C 129 -3.81 -5.23 19.06
CA GLY C 129 -5.08 -5.84 18.72
C GLY C 129 -5.64 -5.32 17.42
N ARG C 130 -4.76 -4.95 16.51
CA ARG C 130 -5.20 -4.45 15.22
C ARG C 130 -5.00 -5.53 14.21
N GLN C 131 -5.92 -5.63 13.28
CA GLN C 131 -5.84 -6.65 12.26
C GLN C 131 -4.77 -6.33 11.26
N VAL C 132 -4.41 -7.34 10.49
CA VAL C 132 -3.38 -7.21 9.50
C VAL C 132 -4.00 -6.58 8.27
N LEU C 133 -3.20 -5.86 7.51
CA LEU C 133 -3.69 -5.21 6.34
C LEU C 133 -4.33 -6.17 5.35
N ARG C 134 -5.46 -5.73 4.81
CA ARG C 134 -6.25 -6.46 3.84
C ARG C 134 -5.43 -6.98 2.67
N LYS C 135 -4.38 -6.26 2.31
CA LYS C 135 -3.54 -6.64 1.18
C LYS C 135 -2.56 -7.73 1.54
N THR C 136 -2.53 -8.10 2.82
CA THR C 136 -1.64 -9.16 3.27
C THR C 136 -2.33 -10.48 3.11
N VAL C 137 -1.73 -11.33 2.30
CA VAL C 137 -2.22 -12.66 1.97
C VAL C 137 -1.45 -13.70 2.74
N TYR C 138 -2.13 -14.44 3.59
CA TYR C 138 -1.42 -15.42 4.38
C TYR C 138 -2.30 -16.57 4.77
N PHE C 139 -1.68 -17.58 5.36
CA PHE C 139 -2.40 -18.77 5.82
C PHE C 139 -1.60 -19.35 6.96
N PHE C 140 -2.22 -20.27 7.70
CA PHE C 140 -1.56 -20.89 8.83
C PHE C 140 -1.01 -22.28 8.55
N SER C 141 0.18 -22.55 9.11
CA SER C 141 0.85 -23.84 9.00
C SER C 141 1.22 -24.27 10.41
N PRO C 142 0.55 -25.30 10.93
CA PRO C 142 0.76 -25.88 12.25
C PRO C 142 2.22 -26.13 12.58
N TRP C 143 2.96 -26.60 11.60
CA TRP C 143 4.37 -26.89 11.80
C TRP C 143 5.28 -25.70 11.61
N ARG C 144 4.84 -24.69 10.87
CA ARG C 144 5.71 -23.59 10.60
C ARG C 144 5.34 -22.20 11.08
N GLY C 145 4.09 -22.00 11.47
CA GLY C 145 3.69 -20.66 11.90
C GLY C 145 2.84 -20.06 10.81
N PHE C 146 2.50 -18.79 10.94
CA PHE C 146 1.68 -18.11 9.92
C PHE C 146 2.65 -17.82 8.79
N ILE C 147 2.19 -17.87 7.54
CA ILE C 147 3.09 -17.61 6.39
C ILE C 147 2.53 -16.57 5.42
N ILE C 148 3.40 -15.76 4.85
CA ILE C 148 3.00 -14.75 3.89
C ILE C 148 3.65 -15.11 2.56
N ARG C 149 2.85 -15.41 1.55
CA ARG C 149 3.44 -15.75 0.27
C ARG C 149 3.46 -14.50 -0.60
N LYS C 150 4.53 -14.32 -1.36
CA LYS C 150 4.69 -13.16 -2.22
C LYS C 150 4.56 -11.91 -1.38
N ALA C 151 5.45 -11.83 -0.41
CA ALA C 151 5.50 -10.72 0.50
C ALA C 151 5.74 -9.42 -0.26
N LYS C 152 4.98 -8.39 0.12
CA LYS C 152 5.10 -7.07 -0.49
C LYS C 152 5.80 -6.19 0.54
N VAL C 153 6.45 -5.15 0.10
CA VAL C 153 7.09 -4.25 1.03
C VAL C 153 6.11 -3.81 2.14
N LEU C 154 4.88 -3.45 1.76
CA LEU C 154 3.86 -3.02 2.74
C LEU C 154 3.49 -4.03 3.82
N ASP C 155 3.93 -5.27 3.66
CA ASP C 155 3.63 -6.30 4.65
C ASP C 155 4.61 -6.20 5.78
N SER C 156 5.63 -5.36 5.60
CA SER C 156 6.63 -5.18 6.61
C SER C 156 5.98 -4.63 7.84
N ASN C 157 6.17 -5.30 8.98
CA ASN C 157 5.53 -4.81 10.19
C ASN C 157 5.96 -5.73 11.31
N THR C 158 5.34 -5.51 12.47
CA THR C 158 5.58 -6.30 13.66
C THR C 158 4.26 -7.00 13.88
N TYR C 159 4.28 -8.34 13.84
CA TYR C 159 3.06 -9.09 14.03
C TYR C 159 3.07 -9.87 15.33
N VAL C 160 1.90 -10.37 15.72
CA VAL C 160 1.78 -11.19 16.92
C VAL C 160 0.86 -12.37 16.64
N CYS C 161 1.13 -13.49 17.30
CA CYS C 161 0.35 -14.68 17.12
C CYS C 161 -0.55 -14.91 18.29
N LYS C 162 -1.86 -14.92 18.02
CA LYS C 162 -2.87 -15.08 19.04
C LYS C 162 -3.69 -16.35 18.97
N THR C 163 -4.25 -16.71 20.11
CA THR C 163 -5.09 -17.89 20.25
C THR C 163 -6.04 -17.60 21.39
N MET C 164 -7.30 -17.38 21.05
CA MET C 164 -8.30 -17.11 22.07
C MET C 164 -9.28 -18.29 22.15
N VAL C 165 -9.09 -19.09 23.19
CA VAL C 165 -9.93 -20.27 23.42
C VAL C 165 -10.84 -20.08 24.63
N ASN C 166 -12.10 -19.78 24.35
CA ASN C 166 -13.10 -19.55 25.40
C ASN C 166 -12.59 -18.57 26.43
N GLY C 167 -12.58 -17.29 26.08
CA GLY C 167 -12.12 -16.27 27.00
C GLY C 167 -10.60 -16.22 27.09
N ARG C 168 -10.00 -17.39 27.30
CA ARG C 168 -8.55 -17.51 27.40
C ARG C 168 -7.88 -17.02 26.11
N GLU C 169 -6.85 -16.21 26.25
CA GLU C 169 -6.12 -15.68 25.09
C GLU C 169 -4.62 -15.81 25.30
N SER C 170 -3.92 -16.30 24.29
CA SER C 170 -2.47 -16.45 24.38
C SER C 170 -1.80 -15.76 23.19
N THR C 171 -0.89 -14.83 23.48
CA THR C 171 -0.22 -14.08 22.42
C THR C 171 1.30 -14.03 22.49
N SER C 172 1.95 -14.47 21.42
CA SER C 172 3.40 -14.47 21.34
C SER C 172 3.96 -13.05 21.37
N THR C 173 5.28 -12.92 21.48
CA THR C 173 5.87 -11.60 21.49
C THR C 173 5.81 -11.14 20.04
N GLY C 174 6.32 -9.95 19.74
CA GLY C 174 6.25 -9.48 18.38
C GLY C 174 7.27 -10.09 17.44
N ILE C 175 6.89 -10.25 16.17
CA ILE C 175 7.82 -10.75 15.18
C ILE C 175 8.03 -9.59 14.23
N TRP C 176 9.24 -9.07 14.14
CA TRP C 176 9.51 -7.96 13.25
C TRP C 176 9.83 -8.46 11.85
N LEU C 177 8.95 -8.16 10.90
CA LEU C 177 9.13 -8.59 9.51
C LEU C 177 9.52 -7.44 8.61
N LYS C 178 10.56 -7.64 7.80
CA LYS C 178 11.06 -6.63 6.89
C LYS C 178 11.19 -7.19 5.48
N VAL C 179 10.49 -6.56 4.54
CA VAL C 179 10.50 -6.96 3.14
C VAL C 179 11.19 -5.88 2.32
N ASN C 180 12.11 -6.27 1.43
CA ASN C 180 12.83 -5.31 0.60
C ASN C 180 12.47 -5.51 -0.87
N ARG C 181 12.29 -4.44 -1.62
CA ARG C 181 11.90 -4.61 -3.03
C ARG C 181 13.09 -5.10 -3.82
N VAL C 182 14.28 -4.90 -3.25
CA VAL C 182 15.54 -5.35 -3.84
C VAL C 182 16.46 -5.51 -2.64
N HIS C 183 17.57 -6.22 -2.80
CA HIS C 183 18.48 -6.37 -1.68
C HIS C 183 19.07 -5.01 -1.38
N PRO C 184 19.15 -4.66 -0.10
CA PRO C 184 19.71 -3.36 0.24
C PRO C 184 21.18 -3.13 -0.09
N GLU C 185 21.45 -2.07 -0.85
CA GLU C 185 22.80 -1.64 -1.24
C GLU C 185 23.05 -0.23 -0.76
N PRO C 186 24.31 0.22 -0.74
CA PRO C 186 24.52 1.59 -0.27
C PRO C 186 23.83 2.50 -1.29
N PRO C 187 23.43 3.70 -0.87
CA PRO C 187 22.76 4.64 -1.78
C PRO C 187 23.58 5.06 -3.02
N GLN C 188 22.90 5.38 -4.10
CA GLN C 188 23.58 5.78 -5.33
C GLN C 188 23.95 7.25 -5.22
N ILE C 189 25.07 7.62 -5.82
CA ILE C 189 25.59 8.97 -5.75
C ILE C 189 25.79 9.64 -7.06
N LYS C 190 25.53 10.96 -7.10
CA LYS C 190 25.71 11.74 -8.31
C LYS C 190 26.40 13.06 -7.98
N LEU C 191 27.52 13.33 -8.63
CA LEU C 191 28.26 14.56 -8.44
C LEU C 191 28.14 15.29 -9.72
N GLU C 192 27.49 16.44 -9.69
CA GLU C 192 27.25 17.23 -10.90
C GLU C 192 27.75 18.66 -10.72
N PRO C 193 28.66 19.13 -11.59
CA PRO C 193 29.31 18.49 -12.73
C PRO C 193 30.41 17.50 -12.32
N SER C 194 30.75 16.57 -13.21
CA SER C 194 31.76 15.57 -12.95
C SER C 194 33.15 16.15 -12.84
N LYS C 195 33.30 17.38 -13.28
CA LYS C 195 34.59 18.06 -13.22
C LYS C 195 34.35 19.49 -13.64
N LEU C 196 35.16 20.40 -13.11
CA LEU C 196 34.97 21.75 -13.57
C LEU C 196 36.08 22.68 -13.17
N VAL C 197 36.32 23.60 -14.08
CA VAL C 197 37.25 24.67 -13.87
C VAL C 197 36.28 25.68 -14.40
N ARG C 198 36.09 26.70 -13.60
CA ARG C 198 35.19 27.78 -13.91
C ARG C 198 35.98 28.66 -12.98
N ILE C 199 37.18 28.90 -13.46
CA ILE C 199 38.10 29.75 -12.75
C ILE C 199 37.63 31.08 -13.17
N ARG C 200 37.48 31.91 -12.17
CA ARG C 200 37.11 33.28 -12.34
C ARG C 200 37.31 33.65 -10.92
N GLY C 201 37.54 34.91 -10.60
CA GLY C 201 37.60 35.13 -9.18
C GLY C 201 36.15 34.81 -8.71
N GLU C 202 35.23 34.49 -9.65
CA GLU C 202 33.85 34.25 -9.19
C GLU C 202 32.92 32.99 -9.21
N ALA C 203 31.74 33.13 -9.82
CA ALA C 203 30.64 32.16 -9.84
C ALA C 203 30.77 30.66 -10.10
N ALA C 204 30.31 29.85 -9.14
CA ALA C 204 30.35 28.37 -9.29
C ALA C 204 29.44 27.53 -8.37
N GLN C 205 28.81 26.48 -8.93
CA GLN C 205 27.94 25.57 -8.17
C GLN C 205 28.27 24.07 -8.32
N ILE C 206 28.25 23.33 -7.21
CA ILE C 206 28.53 21.89 -7.22
C ILE C 206 27.45 21.10 -6.47
N VAL C 207 26.70 20.26 -7.18
CA VAL C 207 25.62 19.47 -6.59
C VAL C 207 25.90 17.99 -6.35
N CYS C 208 25.78 17.58 -5.10
CA CYS C 208 26.04 16.23 -4.66
C CYS C 208 24.75 15.59 -4.19
N SER C 209 24.26 14.58 -4.88
CA SER C 209 23.02 13.95 -4.45
C SER C 209 23.17 12.47 -4.21
N ALA C 210 22.18 11.89 -3.53
CA ALA C 210 22.17 10.46 -3.20
C ALA C 210 20.76 9.87 -3.23
N THR C 211 20.65 8.61 -3.62
CA THR C 211 19.38 7.93 -3.75
C THR C 211 19.30 6.66 -2.90
N ASN C 212 18.15 6.39 -2.32
CA ASN C 212 18.00 5.21 -1.50
C ASN C 212 16.52 4.85 -1.43
N ALA C 213 16.20 3.59 -1.17
CA ALA C 213 14.81 3.17 -1.12
C ALA C 213 14.11 3.54 0.17
N GLU C 214 14.87 3.83 1.22
CA GLU C 214 14.35 4.22 2.52
C GLU C 214 15.02 5.55 2.95
N VAL C 215 14.43 6.22 3.93
CA VAL C 215 14.97 7.50 4.40
C VAL C 215 16.25 7.41 5.21
N GLY C 216 16.49 6.30 5.85
CA GLY C 216 17.66 6.18 6.68
C GLY C 216 19.01 6.20 6.05
N PHE C 217 19.46 7.36 5.60
CA PHE C 217 20.79 7.46 5.02
C PHE C 217 21.23 8.91 5.04
N ASN C 218 22.53 9.17 5.05
CA ASN C 218 23.00 10.53 5.06
C ASN C 218 23.87 10.81 3.84
N VAL C 219 24.08 12.09 3.56
CA VAL C 219 24.89 12.49 2.45
C VAL C 219 25.63 13.75 2.82
N ILE C 220 26.94 13.79 2.57
CA ILE C 220 27.71 15.00 2.83
C ILE C 220 28.65 15.28 1.66
N LEU C 221 29.02 16.54 1.48
CA LEU C 221 29.93 16.93 0.42
C LEU C 221 31.23 17.35 1.09
N LYS C 222 32.37 17.02 0.49
CA LYS C 222 33.64 17.37 1.07
C LYS C 222 34.59 18.02 0.09
N ARG C 223 35.48 18.84 0.63
CA ARG C 223 36.52 19.47 -0.16
C ARG C 223 37.71 18.85 0.57
N GLY C 224 38.55 18.13 -0.16
CA GLY C 224 39.68 17.47 0.48
C GLY C 224 39.14 16.56 1.55
N ASP C 225 39.62 16.74 2.78
CA ASP C 225 39.19 15.93 3.91
C ASP C 225 38.31 16.73 4.84
N THR C 226 37.91 17.92 4.39
CA THR C 226 37.06 18.82 5.16
C THR C 226 35.63 18.73 4.69
N LYS C 227 34.72 18.42 5.61
CA LYS C 227 33.30 18.35 5.26
C LYS C 227 32.69 19.72 5.29
N LEU C 228 31.98 20.10 4.23
CA LEU C 228 31.34 21.39 4.18
C LEU C 228 30.03 21.38 4.92
N GLU C 229 29.51 22.58 5.17
CA GLU C 229 28.26 22.79 5.87
C GLU C 229 27.27 23.34 4.87
N ILE C 230 26.49 22.44 4.27
CA ILE C 230 25.50 22.80 3.28
C ILE C 230 24.15 22.31 3.79
N PRO C 231 23.08 23.05 3.54
CA PRO C 231 21.79 22.57 4.01
C PRO C 231 21.37 21.33 3.25
N LEU C 232 20.52 20.51 3.85
CA LEU C 232 20.03 19.30 3.24
C LEU C 232 18.74 19.59 2.51
N ASN C 233 18.51 18.89 1.41
CA ASN C 233 17.30 19.02 0.63
C ASN C 233 16.83 17.58 0.44
N SER C 234 15.58 17.30 0.76
CA SER C 234 15.10 15.96 0.63
C SER C 234 13.75 15.87 0.00
N ASP C 235 13.47 14.75 -0.67
CA ASP C 235 12.18 14.50 -1.29
C ASP C 235 12.04 13.02 -1.62
N PHE C 236 10.84 12.62 -2.03
CA PHE C 236 10.56 11.24 -2.42
C PHE C 236 10.09 11.36 -3.87
N GLN C 237 10.58 10.53 -4.79
CA GLN C 237 10.13 10.69 -6.17
C GLN C 237 9.40 9.52 -6.83
N ASP C 238 10.10 8.54 -7.36
CA ASP C 238 9.35 7.47 -7.97
C ASP C 238 9.07 6.45 -6.89
N ASN C 239 10.11 5.77 -6.45
CA ASN C 239 9.90 4.86 -5.36
C ASN C 239 11.15 4.96 -4.54
N TYR C 240 11.69 6.17 -4.46
CA TYR C 240 12.89 6.37 -3.69
C TYR C 240 13.06 7.77 -3.11
N TYR C 241 13.88 7.87 -2.09
CA TYR C 241 14.14 9.13 -1.46
C TYR C 241 15.40 9.71 -2.07
N LYS C 242 15.45 11.03 -2.18
CA LYS C 242 16.58 11.73 -2.74
C LYS C 242 17.02 12.78 -1.77
N LYS C 243 18.32 12.96 -1.60
CA LYS C 243 18.84 13.97 -0.71
C LYS C 243 19.99 14.69 -1.38
N VAL C 244 19.94 16.02 -1.36
CA VAL C 244 20.96 16.83 -1.99
C VAL C 244 21.69 17.78 -1.06
N ARG C 245 22.93 18.07 -1.41
CA ARG C 245 23.77 19.00 -0.71
C ARG C 245 24.27 19.82 -1.90
N ALA C 246 23.74 21.04 -2.07
CA ALA C 246 24.14 21.87 -3.20
C ALA C 246 25.07 23.01 -2.81
N LEU C 247 26.31 22.94 -3.27
CA LEU C 247 27.29 23.97 -2.96
C LEU C 247 27.11 25.11 -3.91
N SER C 248 26.82 26.28 -3.36
CA SER C 248 26.66 27.45 -4.18
C SER C 248 27.74 28.42 -3.76
N LEU C 249 28.36 29.07 -4.73
CA LEU C 249 29.41 30.00 -4.43
C LEU C 249 29.28 31.21 -5.36
N ASN C 250 29.65 32.39 -4.87
CA ASN C 250 29.53 33.62 -5.67
C ASN C 250 30.82 34.22 -6.18
N ALA C 251 31.93 33.93 -5.51
CA ALA C 251 33.23 34.43 -5.92
C ALA C 251 34.21 33.46 -5.32
N VAL C 252 34.80 32.61 -6.16
CA VAL C 252 35.74 31.59 -5.69
C VAL C 252 37.21 31.97 -5.46
N ASP C 253 37.73 31.53 -4.32
CA ASP C 253 39.11 31.75 -3.93
C ASP C 253 39.93 30.56 -4.41
N PHE C 254 41.20 30.50 -4.01
CA PHE C 254 42.05 29.40 -4.40
C PHE C 254 41.96 28.25 -3.40
N GLN C 255 41.27 28.49 -2.29
CA GLN C 255 41.11 27.47 -1.28
C GLN C 255 39.85 26.68 -1.59
N ASP C 256 39.07 27.20 -2.55
CA ASP C 256 37.85 26.53 -2.97
C ASP C 256 38.21 25.40 -3.92
N ALA C 257 39.39 25.52 -4.55
CA ALA C 257 39.88 24.52 -5.48
C ALA C 257 40.26 23.25 -4.74
N GLY C 258 40.18 22.12 -5.45
CA GLY C 258 40.52 20.85 -4.84
C GLY C 258 39.66 19.67 -5.29
N ILE C 259 39.83 18.55 -4.60
CA ILE C 259 39.07 17.34 -4.91
C ILE C 259 37.87 17.21 -3.99
N TYR C 260 36.69 17.28 -4.58
CA TYR C 260 35.45 17.15 -3.82
C TYR C 260 34.94 15.71 -3.74
N SER C 261 34.30 15.38 -2.64
CA SER C 261 33.78 14.05 -2.44
C SER C 261 32.33 14.07 -2.01
N CYS C 262 31.49 13.28 -2.68
CA CYS C 262 30.08 13.16 -2.32
C CYS C 262 30.08 11.80 -1.64
N VAL C 263 29.70 11.78 -0.37
CA VAL C 263 29.68 10.55 0.41
C VAL C 263 28.30 10.31 0.93
N ALA C 264 27.84 9.07 0.81
CA ALA C 264 26.52 8.71 1.27
C ALA C 264 26.62 7.40 1.97
N SER C 265 25.76 7.18 2.96
CA SER C 265 25.84 5.93 3.69
C SER C 265 24.59 5.57 4.43
N ASN C 266 24.31 4.27 4.48
CA ASN C 266 23.18 3.73 5.19
C ASN C 266 23.62 2.48 5.99
N ASP C 267 22.67 1.63 6.38
CA ASP C 267 22.95 0.44 7.17
C ASP C 267 23.88 -0.54 6.49
N VAL C 268 23.76 -0.60 5.17
CA VAL C 268 24.54 -1.50 4.32
C VAL C 268 25.97 -1.02 4.05
N GLY C 269 26.15 0.25 3.70
CA GLY C 269 27.50 0.70 3.42
C GLY C 269 27.62 2.15 3.02
N THR C 270 28.76 2.51 2.45
CA THR C 270 29.10 3.86 2.02
C THR C 270 29.48 3.88 0.54
N ARG C 271 29.00 4.89 -0.19
CA ARG C 271 29.31 5.01 -1.61
C ARG C 271 29.90 6.41 -1.77
N THR C 272 31.00 6.52 -2.51
CA THR C 272 31.68 7.80 -2.69
C THR C 272 32.02 8.14 -4.13
N ALA C 273 31.98 9.44 -4.46
CA ALA C 273 32.29 9.89 -5.80
C ALA C 273 33.15 11.09 -5.68
N THR C 274 34.09 11.22 -6.61
CA THR C 274 35.05 12.31 -6.64
C THR C 274 34.96 13.18 -7.87
N MET C 275 35.23 14.47 -7.68
CA MET C 275 35.25 15.43 -8.78
C MET C 275 36.41 16.39 -8.50
N ASN C 276 36.89 17.08 -9.52
CA ASN C 276 37.99 17.99 -9.33
C ASN C 276 37.62 19.39 -9.78
N PHE C 277 37.86 20.36 -8.90
CA PHE C 277 37.56 21.77 -9.17
C PHE C 277 38.88 22.54 -9.22
N GLN C 278 39.05 23.33 -10.28
CA GLN C 278 40.27 24.13 -10.45
C GLN C 278 39.93 25.57 -10.75
N VAL C 279 40.76 26.47 -10.23
CA VAL C 279 40.62 27.90 -10.45
C VAL C 279 41.99 28.55 -10.36
N VAL C 280 42.47 29.05 -11.49
CA VAL C 280 43.77 29.71 -11.51
C VAL C 280 43.60 31.17 -11.93
#